data_2A62
#
_entry.id   2A62
#
_cell.length_a   75.818
_cell.length_b   75.818
_cell.length_c   233.760
_cell.angle_alpha   90.00
_cell.angle_beta   90.00
_cell.angle_gamma   90.00
#
_symmetry.space_group_name_H-M   'P 41 2 2'
#
loop_
_entity.id
_entity.type
_entity.pdbx_description
1 polymer Cadherin-8
2 non-polymer 'CALCIUM ION'
#
_entity_poly.entity_id   1
_entity_poly.type   'polypeptide(L)'
_entity_poly.pdbx_seq_one_letter_code
;SWVWNQMFVLEEFSGPEPILVGRLHTDLDPGSKKIKYILSGDGAGTIFQINDITGDIHAIKRLDREEKAEYTLTAQAVDF
ETNKPLEPPSEFIIKVQDINDNAPEFLNGPYHATVPEMSILGTSVTNVTATDADDPVYGNSAKLVYSILEGQPYFSIEPE
TAIIKTALPNMDREAKEEYLVVIQAKDMGGHSGGLSGTTTLTVTLTDVNDNPPKFAQSLYHFSVPEDVVLGTAIGRVKAN
DQDIGENAQSSYDIIDGDGTALFEITSDAQAQDGVIRLRKPLDFETKKSYTLKVEAANIHIDPRFSSRGPFKDTATVKIV
VE
;
_entity_poly.pdbx_strand_id   A
#
# COMPACT_ATOMS: atom_id res chain seq x y z
N SER A 1 43.67 13.19 -0.98
CA SER A 1 44.61 12.25 -1.65
C SER A 1 43.92 11.69 -2.88
N TRP A 2 44.64 11.62 -4.00
CA TRP A 2 44.04 11.12 -5.24
C TRP A 2 44.00 9.59 -5.28
N VAL A 3 42.82 9.07 -5.61
CA VAL A 3 42.60 7.63 -5.80
C VAL A 3 42.76 7.30 -7.27
N TRP A 4 43.53 6.24 -7.53
CA TRP A 4 43.86 5.79 -8.88
C TRP A 4 43.94 4.25 -8.98
N ASN A 5 43.66 3.54 -7.88
CA ASN A 5 43.77 2.07 -7.83
C ASN A 5 42.54 1.27 -8.33
N GLN A 6 41.65 1.96 -9.04
CA GLN A 6 40.32 1.41 -9.40
C GLN A 6 40.07 1.20 -10.91
N MET A 7 39.41 0.08 -11.22
CA MET A 7 39.02 -0.29 -12.58
C MET A 7 37.51 -0.56 -12.66
N PHE A 8 36.93 -0.31 -13.85
CA PHE A 8 35.49 -0.43 -14.06
C PHE A 8 35.13 -1.44 -15.14
N VAL A 9 34.39 -2.46 -14.72
CA VAL A 9 34.04 -3.58 -15.58
C VAL A 9 32.57 -3.60 -15.78
N LEU A 10 32.12 -3.47 -17.01
CA LEU A 10 30.69 -3.47 -17.25
C LEU A 10 30.16 -4.88 -17.09
N GLU A 11 29.01 -5.02 -16.45
CA GLU A 11 28.57 -6.33 -15.94
C GLU A 11 27.80 -7.22 -16.90
N GLU A 12 28.03 -8.53 -16.78
CA GLU A 12 27.17 -9.57 -17.36
C GLU A 12 27.40 -9.92 -18.82
N PHE A 13 27.69 -8.93 -19.66
CA PHE A 13 27.76 -9.20 -21.09
C PHE A 13 29.09 -9.87 -21.50
N SER A 14 29.77 -9.28 -22.49
CA SER A 14 30.79 -9.96 -23.28
C SER A 14 30.24 -11.22 -23.95
N GLY A 15 29.11 -11.72 -23.44
CA GLY A 15 28.62 -13.05 -23.77
C GLY A 15 29.84 -13.94 -23.60
N PRO A 16 30.33 -14.52 -24.72
CA PRO A 16 31.62 -15.22 -24.83
C PRO A 16 32.83 -14.29 -24.69
N GLU A 17 33.49 -13.96 -25.81
CA GLU A 17 34.83 -13.29 -25.86
C GLU A 17 35.10 -12.22 -24.79
N PRO A 18 36.31 -12.21 -24.21
CA PRO A 18 36.57 -11.45 -22.98
C PRO A 18 37.07 -10.03 -23.19
N ILE A 19 36.87 -9.19 -22.18
CA ILE A 19 37.20 -7.77 -22.23
C ILE A 19 38.16 -7.34 -21.13
N LEU A 20 39.28 -6.78 -21.54
CA LEU A 20 40.24 -6.21 -20.63
C LEU A 20 39.61 -5.02 -19.95
N VAL A 21 40.00 -4.83 -18.70
CA VAL A 21 39.55 -3.67 -17.96
C VAL A 21 40.69 -2.75 -17.62
N GLY A 22 41.86 -3.34 -17.41
CA GLY A 22 43.05 -2.57 -17.05
C GLY A 22 44.35 -3.33 -17.14
N ARG A 23 45.33 -2.70 -17.77
CA ARG A 23 46.70 -3.18 -17.73
C ARG A 23 47.36 -2.42 -16.62
N LEU A 24 48.14 -3.16 -15.85
CA LEU A 24 48.81 -2.62 -14.67
C LEU A 24 50.11 -1.99 -15.11
N HIS A 25 50.82 -1.38 -14.16
CA HIS A 25 52.23 -1.02 -14.39
C HIS A 25 53.08 -0.56 -13.20
N THR A 26 54.34 -1.00 -13.21
CA THR A 26 55.42 -0.36 -12.47
C THR A 26 56.45 0.15 -13.47
N ASP A 27 56.86 1.40 -13.29
CA ASP A 27 57.75 2.12 -14.22
C ASP A 27 59.13 1.48 -14.46
N LEU A 28 60.19 2.06 -13.91
CA LEU A 28 61.56 1.49 -13.97
C LEU A 28 62.21 1.45 -15.36
N ASP A 29 63.49 1.08 -15.41
CA ASP A 29 64.26 1.00 -16.65
C ASP A 29 64.39 -0.45 -17.15
N PRO A 30 64.71 -0.62 -18.45
CA PRO A 30 65.19 -1.92 -18.93
C PRO A 30 66.64 -2.17 -18.48
N GLY A 31 67.47 -2.69 -19.38
CA GLY A 31 68.88 -2.96 -19.07
C GLY A 31 69.14 -4.44 -18.85
N SER A 32 68.60 -5.26 -19.75
CA SER A 32 68.76 -6.72 -19.76
C SER A 32 68.15 -7.51 -18.56
N LYS A 33 67.06 -6.98 -18.01
CA LYS A 33 66.23 -7.69 -17.02
C LYS A 33 64.77 -7.32 -17.28
N LYS A 34 63.83 -8.04 -16.67
CA LYS A 34 62.40 -7.88 -17.04
C LYS A 34 61.36 -8.15 -15.93
N ILE A 35 60.14 -7.65 -16.14
CA ILE A 35 58.99 -7.83 -15.23
C ILE A 35 57.93 -8.78 -15.80
N LYS A 36 57.57 -9.78 -14.99
CA LYS A 36 56.47 -10.68 -15.27
C LYS A 36 55.39 -10.43 -14.22
N TYR A 37 54.16 -10.25 -14.65
CA TYR A 37 53.10 -9.92 -13.72
C TYR A 37 52.38 -11.17 -13.22
N ILE A 38 52.19 -11.25 -11.92
CA ILE A 38 51.36 -12.29 -11.34
C ILE A 38 50.24 -11.62 -10.60
N LEU A 39 49.05 -12.18 -10.75
CA LEU A 39 47.85 -11.62 -10.16
C LEU A 39 47.30 -12.57 -9.09
N SER A 40 46.79 -12.01 -8.00
CA SER A 40 46.12 -12.78 -6.95
C SER A 40 45.03 -11.99 -6.20
N GLY A 41 44.01 -12.69 -5.70
CA GLY A 41 42.93 -12.06 -4.97
C GLY A 41 41.60 -12.72 -5.22
N ASP A 42 40.57 -11.90 -5.40
CA ASP A 42 39.21 -12.37 -5.62
C ASP A 42 39.03 -12.91 -7.04
N GLY A 43 38.48 -14.13 -7.13
CA GLY A 43 38.21 -14.77 -8.41
C GLY A 43 39.36 -14.60 -9.38
N ALA A 44 40.56 -14.57 -8.81
CA ALA A 44 41.78 -14.40 -9.58
C ALA A 44 41.98 -15.62 -10.45
N GLY A 45 42.45 -15.40 -11.68
CA GLY A 45 42.71 -16.47 -12.63
C GLY A 45 41.48 -17.22 -13.10
N THR A 46 40.35 -16.98 -12.45
CA THR A 46 39.11 -17.70 -12.75
C THR A 46 38.05 -16.74 -13.28
N ILE A 47 37.75 -15.69 -12.53
CA ILE A 47 36.94 -14.61 -13.08
C ILE A 47 37.88 -13.75 -13.89
N PHE A 48 38.67 -12.95 -13.17
CA PHE A 48 39.68 -12.13 -13.79
C PHE A 48 40.91 -12.96 -13.87
N GLN A 49 41.48 -13.00 -15.06
CA GLN A 49 42.66 -13.80 -15.31
C GLN A 49 43.70 -12.90 -15.91
N ILE A 50 44.97 -13.18 -15.61
CA ILE A 50 46.03 -12.30 -16.05
C ILE A 50 46.89 -12.86 -17.18
N ASN A 51 47.07 -12.03 -18.21
CA ASN A 51 48.19 -12.22 -19.13
C ASN A 51 49.42 -11.69 -18.42
N ASP A 52 50.34 -12.58 -18.07
CA ASP A 52 51.46 -12.27 -17.17
C ASP A 52 52.35 -11.11 -17.62
N ILE A 53 53.24 -11.34 -18.57
CA ILE A 53 54.23 -10.33 -18.98
C ILE A 53 53.68 -8.92 -19.19
N THR A 54 52.51 -8.81 -19.81
CA THR A 54 52.00 -7.53 -20.26
C THR A 54 51.31 -6.70 -19.17
N GLY A 55 50.41 -7.34 -18.44
CA GLY A 55 49.61 -6.66 -17.43
C GLY A 55 48.14 -6.69 -17.80
N ASP A 56 47.82 -7.43 -18.85
CA ASP A 56 46.45 -7.49 -19.37
C ASP A 56 45.56 -8.36 -18.51
N ILE A 57 44.44 -7.79 -18.08
CA ILE A 57 43.42 -8.53 -17.36
C ILE A 57 42.04 -8.40 -17.97
N HIS A 58 41.64 -9.42 -18.69
CA HIS A 58 40.26 -9.57 -19.15
C HIS A 58 39.46 -10.36 -18.13
N ALA A 59 38.16 -10.07 -18.07
CA ALA A 59 37.25 -10.89 -17.31
C ALA A 59 36.86 -12.07 -18.16
N ILE A 60 37.00 -13.26 -17.60
CA ILE A 60 36.55 -14.44 -18.30
C ILE A 60 35.32 -15.08 -17.63
N LYS A 61 34.39 -14.22 -17.17
CA LYS A 61 33.12 -14.62 -16.53
C LYS A 61 32.06 -13.53 -16.61
N ARG A 62 30.79 -13.91 -16.70
CA ARG A 62 29.72 -12.95 -16.48
C ARG A 62 29.94 -12.38 -15.11
N LEU A 63 29.86 -11.06 -15.00
CA LEU A 63 29.90 -10.40 -13.71
C LEU A 63 28.52 -9.92 -13.32
N ASP A 64 28.11 -10.21 -12.10
CA ASP A 64 26.84 -9.72 -11.60
C ASP A 64 27.11 -8.77 -10.46
N ARG A 65 26.78 -7.52 -10.69
CA ARG A 65 26.96 -6.49 -9.68
C ARG A 65 26.16 -6.84 -8.46
N GLU A 66 24.88 -7.14 -8.66
CA GLU A 66 23.95 -7.41 -7.56
C GLU A 66 24.41 -8.57 -6.67
N GLU A 67 25.29 -9.40 -7.21
CA GLU A 67 25.88 -10.48 -6.44
C GLU A 67 27.04 -9.92 -5.61
N LYS A 68 27.85 -9.08 -6.24
CA LYS A 68 29.06 -8.48 -5.65
C LYS A 68 29.57 -7.42 -6.63
N ALA A 69 29.66 -6.19 -6.15
CA ALA A 69 29.98 -5.02 -7.01
C ALA A 69 31.47 -4.68 -7.06
N GLU A 70 32.20 -5.09 -6.03
CA GLU A 70 33.61 -4.75 -5.89
C GLU A 70 34.42 -6.00 -5.62
N TYR A 71 35.68 -5.95 -6.05
CA TYR A 71 36.59 -7.07 -5.85
C TYR A 71 37.98 -6.58 -5.48
N THR A 72 38.28 -6.56 -4.19
CA THR A 72 39.59 -6.14 -3.74
C THR A 72 40.60 -7.13 -4.28
N LEU A 73 41.57 -6.64 -5.03
CA LEU A 73 42.61 -7.53 -5.56
C LEU A 73 44.06 -7.07 -5.39
N THR A 74 44.98 -8.02 -5.53
CA THR A 74 46.40 -7.83 -5.27
C THR A 74 47.24 -8.50 -6.34
N ALA A 75 47.73 -7.72 -7.29
CA ALA A 75 48.65 -8.24 -8.29
C ALA A 75 50.09 -7.85 -7.94
N GLN A 76 51.05 -8.44 -8.65
CA GLN A 76 52.44 -8.40 -8.25
C GLN A 76 53.38 -8.05 -9.37
N ALA A 77 54.63 -7.78 -8.99
CA ALA A 77 55.71 -7.60 -9.94
C ALA A 77 56.93 -8.38 -9.48
N VAL A 78 57.22 -9.48 -10.19
CA VAL A 78 58.48 -10.22 -10.02
C VAL A 78 59.13 -10.45 -11.37
N ASP A 79 60.42 -10.75 -11.36
CA ASP A 79 61.13 -11.16 -12.55
C ASP A 79 60.64 -12.58 -12.90
N PHE A 80 60.89 -13.02 -14.14
CA PHE A 80 60.42 -14.32 -14.62
C PHE A 80 61.13 -15.48 -13.94
N GLU A 81 62.45 -15.44 -14.03
CA GLU A 81 63.30 -16.49 -13.52
C GLU A 81 63.64 -16.20 -12.06
N THR A 82 64.02 -14.96 -11.76
CA THR A 82 64.41 -14.56 -10.40
C THR A 82 63.27 -14.70 -9.39
N ASN A 83 62.06 -14.33 -9.82
CA ASN A 83 60.85 -14.39 -8.98
C ASN A 83 60.92 -13.51 -7.74
N LYS A 84 62.08 -12.85 -7.56
CA LYS A 84 62.22 -11.84 -6.52
C LYS A 84 61.32 -10.63 -6.80
N PRO A 85 60.69 -10.08 -5.79
CA PRO A 85 59.75 -8.98 -6.01
C PRO A 85 60.44 -7.74 -6.61
N LEU A 86 60.12 -7.48 -7.88
CA LEU A 86 60.56 -6.26 -8.56
C LEU A 86 59.63 -5.08 -8.23
N GLU A 87 58.60 -5.36 -7.41
CA GLU A 87 57.77 -4.35 -6.73
C GLU A 87 56.85 -4.95 -5.66
N PRO A 88 57.07 -4.59 -4.37
CA PRO A 88 56.14 -4.93 -3.28
C PRO A 88 54.68 -4.70 -3.67
N PRO A 89 53.81 -5.72 -3.48
CA PRO A 89 52.44 -5.80 -3.99
C PRO A 89 51.54 -4.60 -3.63
N SER A 90 50.57 -4.31 -4.49
CA SER A 90 49.60 -3.24 -4.26
C SER A 90 48.18 -3.77 -4.07
N GLU A 91 47.43 -3.13 -3.17
CA GLU A 91 46.01 -3.44 -3.05
C GLU A 91 45.20 -2.45 -3.85
N PHE A 92 44.17 -2.95 -4.51
CA PHE A 92 43.33 -2.14 -5.34
C PHE A 92 42.02 -2.87 -5.58
N ILE A 93 41.00 -2.07 -5.89
CA ILE A 93 39.65 -2.57 -6.08
C ILE A 93 39.37 -2.65 -7.58
N ILE A 94 38.46 -3.55 -7.98
CA ILE A 94 37.81 -3.49 -9.30
C ILE A 94 36.35 -3.27 -9.05
N LYS A 95 35.78 -2.34 -9.79
CA LYS A 95 34.35 -2.10 -9.68
C LYS A 95 33.60 -2.58 -10.94
N VAL A 96 32.29 -2.78 -10.76
CA VAL A 96 31.40 -3.10 -11.83
C VAL A 96 30.93 -1.79 -12.52
N GLN A 97 29.65 -1.48 -12.42
CA GLN A 97 29.08 -0.26 -12.98
C GLN A 97 27.57 -0.39 -13.15
N ASP A 98 27.06 -1.62 -13.11
CA ASP A 98 25.63 -1.94 -13.20
C ASP A 98 24.89 -1.46 -14.44
N ILE A 99 24.35 -2.42 -15.16
CA ILE A 99 23.52 -2.13 -16.28
C ILE A 99 22.11 -2.57 -15.92
N ASN A 100 21.12 -2.01 -16.58
CA ASN A 100 19.71 -2.10 -16.18
C ASN A 100 19.02 -3.42 -16.54
N ASP A 101 19.60 -4.52 -16.06
CA ASP A 101 18.98 -5.83 -16.19
C ASP A 101 18.01 -6.08 -15.04
N ASN A 102 18.06 -5.23 -14.03
CA ASN A 102 17.30 -5.44 -12.81
C ASN A 102 16.00 -4.65 -12.81
N ALA A 103 14.94 -5.28 -12.33
CA ALA A 103 13.54 -4.82 -12.52
C ALA A 103 12.93 -3.90 -11.42
N PRO A 104 11.87 -3.11 -11.71
CA PRO A 104 11.20 -2.47 -10.59
C PRO A 104 10.34 -3.50 -9.87
N GLU A 105 10.24 -3.44 -8.54
CA GLU A 105 9.53 -4.47 -7.78
C GLU A 105 8.99 -4.06 -6.42
N PHE A 106 7.74 -4.40 -6.16
CA PHE A 106 7.06 -4.02 -4.94
C PHE A 106 7.24 -5.05 -3.85
N LEU A 107 7.29 -4.59 -2.60
CA LEU A 107 7.60 -5.45 -1.43
C LEU A 107 6.54 -6.50 -1.10
N ASN A 108 5.29 -6.05 -1.06
CA ASN A 108 4.14 -6.94 -0.95
C ASN A 108 3.39 -6.97 -2.27
N GLY A 109 2.68 -8.08 -2.53
CA GLY A 109 1.91 -8.26 -3.77
C GLY A 109 0.74 -7.29 -3.93
N PRO A 110 -0.34 -7.50 -3.15
CA PRO A 110 -1.37 -6.49 -3.03
C PRO A 110 -1.16 -5.56 -1.82
N TYR A 111 -1.81 -4.41 -1.89
CA TYR A 111 -1.78 -3.43 -0.82
C TYR A 111 -3.21 -2.97 -0.53
N HIS A 112 -3.50 -2.67 0.73
CA HIS A 112 -4.86 -2.28 1.12
C HIS A 112 -4.82 -1.04 1.99
N ALA A 113 -5.56 -0.01 1.57
CA ALA A 113 -5.48 1.29 2.24
C ALA A 113 -6.84 1.93 2.39
N THR A 114 -6.97 2.81 3.38
CA THR A 114 -8.27 3.33 3.75
C THR A 114 -8.25 4.84 3.78
N VAL A 115 -9.41 5.41 3.45
CA VAL A 115 -9.58 6.85 3.44
C VAL A 115 -11.02 7.30 3.68
N PRO A 116 -11.20 8.21 4.65
CA PRO A 116 -12.39 8.96 4.97
C PRO A 116 -13.21 9.32 3.77
N GLU A 117 -14.44 8.83 3.76
CA GLU A 117 -15.42 9.07 2.70
C GLU A 117 -15.31 10.47 2.09
N MET A 118 -16.31 11.31 2.26
CA MET A 118 -16.34 12.59 1.55
C MET A 118 -15.39 13.65 2.14
N SER A 119 -14.33 13.91 1.39
CA SER A 119 -13.22 14.73 1.85
C SER A 119 -12.52 15.39 0.68
N ILE A 120 -12.21 16.69 0.81
CA ILE A 120 -11.79 17.53 -0.34
C ILE A 120 -10.80 16.88 -1.29
N LEU A 121 -11.03 17.12 -2.58
CA LEU A 121 -10.22 16.56 -3.65
C LEU A 121 -8.72 16.60 -3.37
N GLY A 122 -8.12 15.41 -3.34
CA GLY A 122 -6.69 15.28 -3.29
C GLY A 122 -6.15 14.88 -1.94
N THR A 123 -6.97 14.21 -1.14
CA THR A 123 -6.53 13.85 0.20
C THR A 123 -5.54 12.71 0.16
N SER A 124 -4.50 12.87 0.94
CA SER A 124 -3.47 11.87 1.06
C SER A 124 -4.11 10.48 1.24
N VAL A 125 -3.52 9.44 0.65
CA VAL A 125 -4.00 8.09 0.93
C VAL A 125 -2.91 7.16 1.47
N THR A 126 -1.93 6.81 0.64
CA THR A 126 -0.71 6.05 1.07
C THR A 126 0.46 6.23 0.07
N ASN A 127 1.64 5.77 0.47
CA ASN A 127 2.78 5.67 -0.44
C ASN A 127 2.85 4.28 -0.93
N VAL A 128 2.96 4.11 -2.25
CA VAL A 128 3.51 2.86 -2.75
C VAL A 128 4.96 3.10 -3.13
N THR A 129 5.83 2.19 -2.74
CA THR A 129 7.24 2.37 -3.01
C THR A 129 7.76 1.03 -3.51
N ALA A 130 8.15 1.01 -4.78
CA ALA A 130 8.76 -0.16 -5.42
C ALA A 130 10.24 -0.27 -5.07
N THR A 131 10.97 -1.08 -5.82
CA THR A 131 12.39 -1.17 -5.65
C THR A 131 13.01 -1.74 -6.91
N ASP A 132 13.95 -0.98 -7.47
CA ASP A 132 14.83 -1.44 -8.56
C ASP A 132 16.11 -2.00 -7.95
N ALA A 133 16.64 -3.06 -8.55
CA ALA A 133 17.78 -3.73 -7.96
C ALA A 133 19.06 -3.00 -8.27
N ASP A 134 19.05 -2.26 -9.38
CA ASP A 134 20.26 -1.74 -9.99
C ASP A 134 21.04 -0.70 -9.21
N ASP A 135 21.73 0.14 -9.97
CA ASP A 135 22.54 1.19 -9.44
C ASP A 135 21.71 2.44 -9.22
N PRO A 136 21.60 2.86 -7.95
CA PRO A 136 20.94 4.08 -7.55
C PRO A 136 21.90 5.27 -7.49
N VAL A 137 23.15 5.03 -7.88
CA VAL A 137 24.23 6.02 -7.80
C VAL A 137 24.53 6.68 -9.18
N TYR A 138 24.36 5.91 -10.27
CA TYR A 138 24.66 6.42 -11.60
C TYR A 138 23.58 6.26 -12.63
N GLY A 139 23.37 7.33 -13.38
CA GLY A 139 22.39 7.36 -14.44
C GLY A 139 20.96 7.10 -13.98
N ASN A 140 20.12 6.76 -14.95
CA ASN A 140 18.71 6.50 -14.68
C ASN A 140 18.41 5.00 -14.58
N SER A 141 19.47 4.24 -14.31
CA SER A 141 19.40 2.81 -14.05
C SER A 141 18.36 2.41 -12.99
N ALA A 142 17.92 3.39 -12.20
CA ALA A 142 17.04 3.15 -11.06
C ALA A 142 15.96 4.23 -10.80
N LYS A 143 16.25 5.49 -11.12
CA LYS A 143 15.32 6.59 -10.88
C LYS A 143 13.93 6.17 -11.36
N LEU A 144 12.98 6.13 -10.44
CA LEU A 144 11.67 5.62 -10.78
C LEU A 144 10.57 6.68 -10.83
N VAL A 145 9.56 6.41 -11.65
CA VAL A 145 8.42 7.30 -11.82
C VAL A 145 7.13 6.51 -11.78
N TYR A 146 6.35 6.73 -10.73
CA TYR A 146 5.14 5.97 -10.50
C TYR A 146 3.98 6.52 -11.30
N SER A 147 3.03 5.68 -11.65
CA SER A 147 1.78 6.15 -12.23
C SER A 147 0.61 5.25 -11.96
N ILE A 148 -0.55 5.86 -11.70
CA ILE A 148 -1.78 5.10 -11.64
C ILE A 148 -2.06 4.55 -13.03
N LEU A 149 -1.97 3.24 -13.14
CA LEU A 149 -2.19 2.61 -14.42
C LEU A 149 -3.66 2.34 -14.65
N GLU A 150 -4.42 2.32 -13.56
CA GLU A 150 -5.88 2.22 -13.64
C GLU A 150 -6.48 2.15 -12.25
N GLY A 151 -7.69 2.69 -12.14
CA GLY A 151 -8.35 2.97 -10.88
C GLY A 151 -9.04 4.31 -11.06
N GLN A 152 -10.22 4.27 -11.69
CA GLN A 152 -10.80 5.50 -12.26
C GLN A 152 -12.09 6.23 -11.71
N PRO A 153 -12.91 5.64 -10.77
CA PRO A 153 -13.32 6.53 -9.63
C PRO A 153 -12.09 7.09 -8.84
N TYR A 154 -11.00 7.29 -9.61
CA TYR A 154 -9.87 8.21 -9.43
C TYR A 154 -9.18 8.48 -8.13
N PHE A 155 -7.90 8.17 -8.19
CA PHE A 155 -6.90 8.66 -7.27
C PHE A 155 -5.70 9.11 -8.10
N SER A 156 -4.85 9.96 -7.56
CA SER A 156 -3.65 10.35 -8.25
C SER A 156 -2.47 9.75 -7.54
N ILE A 157 -1.56 9.14 -8.27
CA ILE A 157 -0.27 8.82 -7.69
C ILE A 157 0.62 9.96 -8.05
N GLU A 158 1.05 10.68 -7.04
CA GLU A 158 1.96 11.78 -7.22
C GLU A 158 3.31 11.14 -7.62
N PRO A 159 3.86 11.48 -8.83
CA PRO A 159 4.78 10.61 -9.58
C PRO A 159 6.17 10.46 -8.99
N GLU A 160 6.60 11.49 -8.27
CA GLU A 160 7.93 11.54 -7.73
C GLU A 160 7.97 10.65 -6.50
N THR A 161 7.01 10.88 -5.60
CA THR A 161 6.99 10.25 -4.29
C THR A 161 5.98 9.09 -4.19
N ALA A 162 5.22 8.87 -5.25
CA ALA A 162 4.28 7.74 -5.36
C ALA A 162 3.04 7.86 -4.50
N ILE A 163 3.10 8.72 -3.50
CA ILE A 163 1.96 8.98 -2.65
C ILE A 163 0.66 9.02 -3.47
N ILE A 164 -0.31 8.21 -3.05
CA ILE A 164 -1.67 8.27 -3.59
C ILE A 164 -2.46 9.36 -2.90
N LYS A 165 -3.18 10.10 -3.73
CA LYS A 165 -4.15 11.05 -3.28
C LYS A 165 -5.45 10.60 -3.89
N THR A 166 -6.54 11.22 -3.48
CA THR A 166 -7.81 11.01 -4.14
C THR A 166 -7.86 11.97 -5.29
N ALA A 167 -8.58 11.63 -6.33
CA ALA A 167 -8.65 12.55 -7.43
C ALA A 167 -10.05 13.05 -7.55
N LEU A 168 -10.85 12.80 -6.51
CA LEU A 168 -12.25 13.10 -6.66
C LEU A 168 -12.90 13.97 -5.59
N PRO A 169 -13.79 14.90 -6.00
CA PRO A 169 -14.59 15.68 -5.08
C PRO A 169 -15.56 14.81 -4.29
N ASN A 170 -15.75 15.19 -3.04
CA ASN A 170 -16.38 14.34 -2.01
C ASN A 170 -16.10 12.85 -2.12
N MET A 171 -17.12 12.05 -2.43
CA MET A 171 -17.01 10.59 -2.69
C MET A 171 -17.91 9.70 -1.79
N ASP A 172 -19.19 10.04 -1.67
CA ASP A 172 -20.22 9.25 -0.94
C ASP A 172 -20.17 7.74 -1.18
N ARG A 173 -19.51 7.04 -0.26
CA ARG A 173 -19.31 5.60 -0.33
C ARG A 173 -20.57 4.91 -0.77
N GLU A 174 -21.66 5.12 -0.03
CA GLU A 174 -22.94 4.49 -0.31
C GLU A 174 -23.10 4.14 -1.80
N ALA A 175 -22.26 4.75 -2.63
CA ALA A 175 -22.15 4.46 -4.06
C ALA A 175 -21.28 3.23 -4.34
N LYS A 176 -20.10 3.19 -3.73
CA LYS A 176 -19.11 2.15 -3.95
C LYS A 176 -18.13 2.15 -2.76
N GLU A 177 -17.92 1.02 -2.11
CA GLU A 177 -17.07 1.05 -0.91
C GLU A 177 -15.61 0.70 -1.19
N GLU A 178 -15.39 -0.27 -2.06
CA GLU A 178 -14.04 -0.72 -2.35
C GLU A 178 -13.60 -0.25 -3.71
N TYR A 179 -12.30 -0.09 -3.89
CA TYR A 179 -11.74 0.49 -5.11
C TYR A 179 -10.45 -0.17 -5.52
N LEU A 180 -10.38 -0.55 -6.79
CA LEU A 180 -9.19 -1.18 -7.30
C LEU A 180 -8.43 -0.29 -8.22
N VAL A 181 -7.15 -0.15 -7.91
CA VAL A 181 -6.23 0.65 -8.69
C VAL A 181 -4.94 -0.15 -8.90
N VAL A 182 -4.38 -0.06 -10.10
CA VAL A 182 -3.17 -0.81 -10.42
C VAL A 182 -2.00 0.16 -10.66
N ILE A 183 -0.89 -0.06 -9.94
CA ILE A 183 0.19 0.93 -9.83
C ILE A 183 1.45 0.56 -10.62
N GLN A 184 2.12 1.58 -11.15
CA GLN A 184 3.28 1.40 -12.03
C GLN A 184 4.51 2.14 -11.55
N ALA A 185 5.63 1.86 -12.22
CA ALA A 185 6.94 2.44 -11.92
C ALA A 185 7.92 2.13 -13.07
N LYS A 186 8.52 3.16 -13.65
CA LYS A 186 9.35 2.97 -14.83
C LYS A 186 10.82 3.24 -14.49
N ASP A 187 11.67 2.27 -14.83
CA ASP A 187 13.12 2.38 -14.66
C ASP A 187 13.66 3.38 -15.67
N MET A 188 14.12 4.54 -15.23
CA MET A 188 14.44 5.64 -16.15
C MET A 188 13.17 6.40 -16.29
N GLY A 189 12.36 5.96 -17.25
CA GLY A 189 10.99 6.41 -17.40
C GLY A 189 10.82 7.90 -17.43
N GLY A 190 10.30 8.41 -18.54
CA GLY A 190 10.56 9.80 -18.95
C GLY A 190 11.45 9.66 -20.16
N HIS A 191 11.61 8.38 -20.45
CA HIS A 191 12.53 7.81 -21.39
C HIS A 191 11.97 6.38 -21.49
N SER A 192 11.61 5.99 -22.70
CA SER A 192 11.13 4.64 -22.94
C SER A 192 12.29 3.67 -22.80
N GLY A 193 12.03 2.39 -23.07
CA GLY A 193 13.00 1.37 -22.80
C GLY A 193 13.17 1.35 -21.30
N GLY A 194 12.16 1.86 -20.61
CA GLY A 194 12.12 1.81 -19.17
C GLY A 194 11.60 0.48 -18.67
N LEU A 195 11.69 0.26 -17.37
CA LEU A 195 11.20 -0.97 -16.79
C LEU A 195 9.84 -0.78 -16.12
N SER A 196 9.14 -1.89 -15.88
CA SER A 196 7.71 -1.84 -15.59
C SER A 196 7.26 -2.70 -14.40
N GLY A 197 7.02 -2.06 -13.27
CA GLY A 197 6.54 -2.76 -12.08
C GLY A 197 5.14 -2.35 -11.66
N THR A 198 4.25 -3.33 -11.55
CA THR A 198 2.85 -3.09 -11.23
C THR A 198 2.42 -3.66 -9.86
N THR A 199 1.43 -3.01 -9.23
CA THR A 199 0.83 -3.53 -7.99
C THR A 199 -0.69 -3.25 -7.83
N THR A 200 -1.37 -4.17 -7.16
CA THR A 200 -2.78 -4.02 -6.83
C THR A 200 -2.93 -3.25 -5.53
N LEU A 201 -3.93 -2.37 -5.52
CA LEU A 201 -4.23 -1.59 -4.33
C LEU A 201 -5.72 -1.58 -4.08
N THR A 202 -6.09 -2.17 -2.95
CA THR A 202 -7.46 -2.19 -2.56
C THR A 202 -7.69 -1.01 -1.65
N VAL A 203 -8.42 -0.04 -2.19
CA VAL A 203 -8.77 1.16 -1.49
C VAL A 203 -10.19 1.04 -1.01
N THR A 204 -10.39 1.35 0.27
CA THR A 204 -11.71 1.38 0.87
C THR A 204 -11.86 2.73 1.56
N LEU A 205 -13.09 3.18 1.70
CA LEU A 205 -13.33 4.42 2.42
C LEU A 205 -13.90 4.13 3.80
N THR A 206 -13.82 5.08 4.70
CA THR A 206 -14.41 4.90 6.03
C THR A 206 -15.87 5.38 5.99
N ASP A 207 -16.45 6.25 7.04
CA ASP A 207 -17.88 6.53 6.98
C ASP A 207 -18.56 7.91 7.12
N VAL A 208 -18.44 8.63 8.24
CA VAL A 208 -19.30 9.81 8.46
C VAL A 208 -20.77 9.43 8.58
N ASN A 209 -21.51 10.39 9.12
CA ASN A 209 -22.89 10.01 9.30
C ASN A 209 -23.81 10.62 8.25
N ASP A 210 -23.33 10.71 7.01
CA ASP A 210 -24.11 11.33 5.93
C ASP A 210 -25.37 10.52 5.55
N ASN A 211 -26.12 10.14 6.58
CA ASN A 211 -27.41 9.49 6.47
C ASN A 211 -28.18 9.66 7.74
N PRO A 212 -29.40 10.17 7.65
CA PRO A 212 -30.42 9.90 8.65
C PRO A 212 -30.82 8.44 8.59
N PRO A 213 -31.48 7.92 9.66
CA PRO A 213 -31.98 6.55 9.65
C PRO A 213 -33.37 6.43 9.04
N LYS A 214 -33.81 5.19 8.83
CA LYS A 214 -34.99 4.86 8.04
C LYS A 214 -35.97 4.07 8.89
N PHE A 215 -37.24 4.09 8.53
CA PHE A 215 -38.19 3.09 9.06
C PHE A 215 -38.72 2.25 7.93
N ALA A 216 -38.88 0.96 8.19
CA ALA A 216 -39.33 0.04 7.17
C ALA A 216 -40.47 0.69 6.37
N GLN A 217 -41.55 1.06 7.06
CA GLN A 217 -42.65 1.86 6.46
C GLN A 217 -43.27 2.86 7.45
N SER A 218 -44.06 3.79 6.90
CA SER A 218 -44.58 4.92 7.66
C SER A 218 -45.71 4.59 8.65
N LEU A 219 -46.42 3.49 8.42
CA LEU A 219 -47.54 3.09 9.30
C LEU A 219 -47.44 1.64 9.74
N TYR A 220 -47.32 1.40 11.04
CA TYR A 220 -47.21 0.03 11.54
C TYR A 220 -48.52 -0.50 12.18
N HIS A 221 -48.73 -1.81 12.10
CA HIS A 221 -49.89 -2.49 12.65
C HIS A 221 -49.49 -3.71 13.49
N PHE A 222 -50.13 -3.87 14.65
CA PHE A 222 -49.94 -5.05 15.50
C PHE A 222 -51.21 -5.40 16.28
N SER A 223 -51.11 -6.38 17.18
CA SER A 223 -52.27 -6.95 17.84
C SER A 223 -51.88 -7.67 19.14
N VAL A 224 -52.85 -7.88 20.02
CA VAL A 224 -52.53 -8.28 21.39
C VAL A 224 -53.72 -8.80 22.21
N PRO A 225 -53.53 -9.95 22.90
CA PRO A 225 -54.47 -10.47 23.94
C PRO A 225 -54.41 -9.66 25.25
N GLU A 226 -55.57 -9.41 25.86
CA GLU A 226 -55.74 -8.23 26.76
C GLU A 226 -55.42 -8.28 28.30
N ASP A 227 -54.16 -8.58 28.65
CA ASP A 227 -53.66 -8.60 30.04
C ASP A 227 -52.16 -8.96 30.12
N VAL A 228 -51.79 -10.06 29.47
CA VAL A 228 -50.55 -10.83 29.74
C VAL A 228 -49.77 -10.36 30.99
N VAL A 229 -50.17 -10.94 32.12
CA VAL A 229 -49.62 -10.69 33.47
C VAL A 229 -48.13 -11.11 33.54
N LEU A 230 -47.50 -11.07 32.36
CA LEU A 230 -46.07 -11.25 32.19
C LEU A 230 -45.64 -10.27 31.11
N GLY A 231 -44.42 -9.76 31.23
CA GLY A 231 -43.85 -8.81 30.28
C GLY A 231 -44.93 -7.91 29.71
N THR A 232 -45.26 -8.08 28.43
CA THR A 232 -44.50 -8.89 27.47
C THR A 232 -44.17 -7.98 26.30
N ALA A 233 -43.65 -8.52 25.20
CA ALA A 233 -43.37 -7.71 24.03
C ALA A 233 -44.38 -7.97 22.91
N ILE A 234 -44.58 -6.99 22.02
CA ILE A 234 -45.58 -7.08 20.93
C ILE A 234 -44.97 -7.09 19.54
N GLY A 235 -44.28 -5.99 19.18
CA GLY A 235 -43.76 -5.82 17.81
C GLY A 235 -42.39 -5.18 17.64
N ARG A 236 -41.87 -5.28 16.42
CA ARG A 236 -40.57 -4.73 16.08
C ARG A 236 -40.62 -3.88 14.80
N VAL A 237 -40.22 -2.61 14.93
CA VAL A 237 -40.08 -1.70 13.79
C VAL A 237 -38.60 -1.37 13.54
N LYS A 238 -38.17 -1.30 12.28
CA LYS A 238 -36.73 -1.18 12.01
C LYS A 238 -36.28 0.15 11.43
N ALA A 239 -35.08 0.56 11.84
CA ALA A 239 -34.35 1.63 11.17
C ALA A 239 -33.26 1.01 10.31
N ASN A 240 -32.88 1.70 9.23
CA ASN A 240 -31.62 1.38 8.52
C ASN A 240 -30.86 2.54 7.90
N ASP A 241 -30.20 3.26 8.78
CA ASP A 241 -29.16 4.21 8.46
C ASP A 241 -28.12 3.44 7.67
N GLN A 242 -28.03 3.68 6.37
CA GLN A 242 -27.08 2.97 5.52
C GLN A 242 -25.65 3.21 5.95
N ASP A 243 -25.40 4.41 6.47
CA ASP A 243 -24.13 4.77 7.06
C ASP A 243 -23.79 3.84 8.23
N ILE A 244 -22.93 2.85 7.96
CA ILE A 244 -22.68 1.73 8.86
C ILE A 244 -22.08 2.05 10.25
N GLY A 245 -22.13 1.05 11.12
CA GLY A 245 -21.45 1.07 12.42
C GLY A 245 -22.05 1.97 13.48
N GLU A 246 -21.17 2.60 14.25
CA GLU A 246 -21.55 3.56 15.27
C GLU A 246 -22.47 4.61 14.63
N ASN A 247 -22.18 4.92 13.38
CA ASN A 247 -22.97 5.89 12.63
C ASN A 247 -24.33 5.32 12.24
N ALA A 248 -24.60 4.08 12.61
CA ALA A 248 -25.88 3.43 12.30
C ALA A 248 -26.73 3.18 13.54
N GLN A 249 -26.07 2.83 14.63
CA GLN A 249 -26.76 2.58 15.89
C GLN A 249 -27.69 3.74 16.24
N SER A 250 -29.00 3.50 16.20
CA SER A 250 -30.00 4.55 16.40
C SER A 250 -30.83 4.38 17.67
N SER A 251 -31.34 5.50 18.21
CA SER A 251 -32.07 5.54 19.51
C SER A 251 -33.58 5.69 19.41
N TYR A 252 -34.29 4.66 19.82
CA TYR A 252 -35.74 4.61 19.75
C TYR A 252 -36.39 5.11 21.02
N ASP A 253 -37.56 5.73 20.84
CA ASP A 253 -38.50 6.02 21.94
C ASP A 253 -39.76 6.50 21.30
N ILE A 254 -40.82 6.56 22.10
CA ILE A 254 -42.08 7.01 21.61
C ILE A 254 -42.18 8.47 21.99
N ILE A 255 -42.74 9.30 21.12
CA ILE A 255 -42.86 10.70 21.47
C ILE A 255 -44.32 11.06 21.59
N GLY A 259 -51.36 8.32 23.17
CA GLY A 259 -51.98 7.02 22.94
C GLY A 259 -51.10 5.89 23.45
N THR A 260 -50.25 6.19 24.43
CA THR A 260 -49.36 5.24 25.06
C THR A 260 -49.34 5.40 26.52
N ALA A 261 -48.28 4.83 27.05
CA ALA A 261 -47.94 4.81 28.45
C ALA A 261 -48.19 3.42 29.03
N LEU A 262 -48.88 2.57 28.26
CA LEU A 262 -49.00 1.18 28.66
C LEU A 262 -47.89 0.41 27.99
N PHE A 263 -46.97 1.12 27.33
CA PHE A 263 -45.97 0.50 26.47
C PHE A 263 -44.54 1.01 26.53
N GLU A 264 -43.64 0.10 26.90
CA GLU A 264 -42.22 0.34 26.81
C GLU A 264 -41.79 0.22 25.36
N ILE A 265 -40.65 0.81 25.02
CA ILE A 265 -40.04 0.52 23.75
C ILE A 265 -38.58 0.28 24.01
N THR A 266 -38.00 -0.70 23.34
CA THR A 266 -36.68 -1.16 23.76
C THR A 266 -35.59 -1.09 22.68
N SER A 267 -34.34 -1.04 23.15
CA SER A 267 -33.20 -0.42 22.46
C SER A 267 -33.15 -0.28 20.92
N ASP A 268 -32.36 -1.03 20.14
CA ASP A 268 -31.41 -2.09 20.54
C ASP A 268 -30.30 -2.42 19.51
N ALA A 269 -29.12 -2.76 20.02
CA ALA A 269 -28.05 -3.37 19.25
C ALA A 269 -28.35 -4.87 19.04
N GLN A 270 -29.52 -5.13 18.45
CA GLN A 270 -29.97 -6.48 18.10
C GLN A 270 -29.90 -6.64 16.59
N ALA A 271 -30.42 -5.61 15.91
CA ALA A 271 -30.38 -5.43 14.48
C ALA A 271 -30.63 -3.94 14.31
N GLN A 272 -30.70 -3.26 15.46
CA GLN A 272 -31.10 -1.84 15.64
C GLN A 272 -32.62 -1.54 15.65
N ASP A 273 -33.41 -2.53 16.07
CA ASP A 273 -34.86 -2.34 16.27
C ASP A 273 -35.05 -1.79 17.69
N GLY A 274 -36.28 -1.52 18.14
CA GLY A 274 -37.52 -1.75 17.42
C GLY A 274 -38.57 -2.54 18.18
N VAL A 275 -38.21 -3.05 19.35
CA VAL A 275 -39.10 -3.89 20.13
C VAL A 275 -40.02 -3.06 21.00
N ILE A 276 -41.22 -3.59 21.22
CA ILE A 276 -42.18 -2.98 22.13
C ILE A 276 -42.62 -3.92 23.23
N ARG A 277 -42.23 -3.59 24.45
CA ARG A 277 -42.80 -4.21 25.63
C ARG A 277 -44.09 -3.49 26.04
N LEU A 278 -44.98 -4.24 26.67
CA LEU A 278 -46.11 -3.69 27.35
C LEU A 278 -45.67 -3.35 28.77
N ARG A 279 -45.71 -2.07 29.11
CA ARG A 279 -45.34 -1.58 30.45
C ARG A 279 -46.44 -1.94 31.44
N LYS A 280 -47.42 -1.03 31.63
CA LYS A 280 -48.62 -1.31 32.42
C LYS A 280 -49.29 -2.57 31.88
N PRO A 281 -49.88 -3.41 32.75
CA PRO A 281 -50.47 -4.68 32.32
C PRO A 281 -51.58 -4.47 31.29
N LEU A 282 -52.82 -4.74 31.66
CA LEU A 282 -53.94 -4.40 30.80
C LEU A 282 -55.23 -4.82 31.45
N ASP A 283 -56.33 -4.29 30.95
CA ASP A 283 -57.56 -4.30 31.70
C ASP A 283 -58.71 -4.14 30.73
N PHE A 284 -58.60 -3.18 29.84
CA PHE A 284 -59.78 -2.61 29.26
C PHE A 284 -60.04 -2.80 27.78
N GLU A 285 -61.31 -3.16 27.57
CA GLU A 285 -62.07 -3.02 26.34
C GLU A 285 -62.17 -1.52 26.02
N THR A 286 -62.25 -0.72 27.10
CA THR A 286 -62.38 0.74 27.06
C THR A 286 -61.57 1.35 25.93
N LYS A 287 -60.46 0.69 25.61
CA LYS A 287 -59.78 0.95 24.37
C LYS A 287 -59.59 -0.33 23.58
N LYS A 288 -59.73 -0.19 22.25
CA LYS A 288 -59.34 -1.23 21.31
C LYS A 288 -58.16 -0.75 20.47
N SER A 289 -58.17 0.53 20.11
CA SER A 289 -57.14 1.08 19.22
C SER A 289 -56.08 1.94 19.93
N TYR A 290 -54.81 1.71 19.61
CA TYR A 290 -53.71 2.43 20.24
C TYR A 290 -52.71 3.03 19.23
N THR A 291 -52.06 4.13 19.62
CA THR A 291 -51.25 4.93 18.69
C THR A 291 -49.96 5.41 19.28
N LEU A 292 -48.88 5.16 18.57
CA LEU A 292 -47.61 5.71 18.98
C LEU A 292 -46.93 6.34 17.79
N LYS A 293 -46.29 7.49 18.00
CA LYS A 293 -45.30 8.04 17.04
C LYS A 293 -43.90 7.80 17.61
N VAL A 294 -42.97 7.33 16.77
CA VAL A 294 -41.63 6.91 17.24
C VAL A 294 -40.41 7.57 16.55
N GLU A 295 -39.65 8.37 17.31
CA GLU A 295 -38.37 8.92 16.82
C GLU A 295 -37.27 7.90 17.10
N ALA A 296 -36.47 7.63 16.09
CA ALA A 296 -35.27 6.82 16.28
C ALA A 296 -34.11 7.58 15.64
N ALA A 297 -32.99 7.77 16.36
CA ALA A 297 -31.86 8.55 15.81
C ALA A 297 -30.45 8.12 16.20
N ASN A 298 -29.54 8.23 15.23
CA ASN A 298 -28.10 7.99 15.38
C ASN A 298 -27.51 8.71 16.58
N ILE A 299 -26.25 8.45 16.93
CA ILE A 299 -25.76 9.03 18.16
C ILE A 299 -24.27 9.37 18.23
N HIS A 300 -23.96 10.13 19.29
CA HIS A 300 -22.63 10.43 19.90
C HIS A 300 -22.77 11.22 21.26
N ILE A 301 -21.68 11.79 21.81
CA ILE A 301 -21.78 12.70 23.00
C ILE A 301 -21.61 14.22 22.68
N ASP A 302 -21.21 14.49 21.42
CA ASP A 302 -21.38 15.82 20.75
C ASP A 302 -22.05 15.63 19.35
N PRO A 303 -22.45 16.74 18.67
CA PRO A 303 -23.52 16.64 17.64
C PRO A 303 -23.31 15.59 16.54
N ARG A 304 -23.80 14.37 16.75
CA ARG A 304 -23.61 13.35 15.72
C ARG A 304 -24.66 13.39 14.62
N PHE A 305 -24.59 14.51 13.88
CA PHE A 305 -25.20 14.83 12.56
C PHE A 305 -24.42 16.10 12.07
N SER A 306 -23.09 16.13 12.26
CA SER A 306 -22.25 17.34 12.00
C SER A 306 -22.38 17.95 10.62
N SER A 307 -23.30 17.38 9.84
CA SER A 307 -23.74 17.92 8.57
C SER A 307 -25.14 18.52 8.77
N ARG A 308 -26.08 18.17 7.88
CA ARG A 308 -27.48 18.61 8.02
C ARG A 308 -28.49 17.50 7.66
N GLY A 309 -29.09 16.88 8.69
CA GLY A 309 -30.02 15.75 8.54
C GLY A 309 -31.48 16.06 8.85
N PRO A 310 -32.39 15.72 7.92
CA PRO A 310 -33.79 16.21 7.88
C PRO A 310 -34.79 15.45 8.78
N PHE A 311 -35.23 14.27 8.32
CA PHE A 311 -35.94 13.29 9.16
C PHE A 311 -34.96 12.62 10.17
N LYS A 312 -35.53 11.81 11.03
CA LYS A 312 -34.80 10.88 11.89
C LYS A 312 -35.92 9.89 11.95
N ASP A 313 -36.59 9.83 10.80
CA ASP A 313 -37.79 9.05 10.54
C ASP A 313 -38.64 8.88 11.80
N THR A 314 -39.75 9.59 11.81
CA THR A 314 -40.78 9.35 12.80
C THR A 314 -41.57 8.13 12.32
N ALA A 315 -42.86 8.04 12.66
CA ALA A 315 -43.77 6.99 12.16
C ALA A 315 -44.78 6.48 13.20
N THR A 316 -45.91 6.00 12.71
CA THR A 316 -47.03 5.64 13.57
C THR A 316 -47.30 4.14 13.69
N VAL A 317 -47.53 3.70 14.92
CA VAL A 317 -47.88 2.32 15.22
C VAL A 317 -49.30 2.23 15.78
N LYS A 318 -50.09 1.38 15.13
CA LYS A 318 -51.48 1.13 15.49
C LYS A 318 -51.59 -0.28 16.09
N ILE A 319 -51.84 -0.36 17.39
CA ILE A 319 -52.08 -1.64 18.05
C ILE A 319 -53.57 -1.78 18.27
N VAL A 320 -54.11 -2.92 17.85
CA VAL A 320 -55.53 -3.23 18.04
C VAL A 320 -55.70 -4.26 19.19
N VAL A 321 -56.86 -4.23 19.87
CA VAL A 321 -57.13 -5.18 20.96
C VAL A 321 -57.99 -6.38 20.50
N GLU A 322 -57.91 -7.46 21.26
CA GLU A 322 -58.64 -8.70 20.99
C GLU A 322 -59.66 -9.00 22.08
#